data_7PWE
#
_entry.id   7PWE
#
_cell.length_a   123.6
_cell.length_b   49.3
_cell.length_c   86
_cell.angle_alpha   90
_cell.angle_beta   116.5
_cell.angle_gamma   90
#
_symmetry.space_group_name_H-M   'C 1 2 1'
#
loop_
_entity.id
_entity.type
_entity.pdbx_description
1 polymer 'Ferredoxin-thioredoxin reductase subunit B'
2 non-polymer 'IRON/SULFUR CLUSTER'
3 non-polymer IMIDAZOLE
4 water water
#
_entity_poly.entity_id   1
_entity_poly.type   'polypeptide(L)'
_entity_poly.pdbx_seq_one_letter_code
;(MSE)TDKKIVLYSLTTCGFCQAIKK(MSE)FDDLAVGHLCIQADELTGEEKKQALRDLRKVNPKCSFPTVVIDETVVVG
PKIQEIKEKIGIRTEVDELYEVLKKKNEPKGYYLNGDREKTFELIRGLLTNKKRYGY(MSE)ACPCRLASGDRNNDRDII
CPCLYREPDVKEFGSCYCTLYVSADWYTGKIERQEVAERRPPEHYELD
;
_entity_poly.pdbx_strand_id   A,B
#
loop_
_chem_comp.id
_chem_comp.type
_chem_comp.name
_chem_comp.formula
IMD non-polymer IMIDAZOLE 'C3 H5 N2 1'
SF4 non-polymer 'IRON/SULFUR CLUSTER' 'Fe4 S4'
#
# COMPACT_ATOMS: atom_id res chain seq x y z
N ASP A 3 -8.34 -19.20 21.25
CA ASP A 3 -9.48 -20.07 21.53
C ASP A 3 -10.68 -19.82 20.59
N LYS A 4 -10.77 -18.60 20.02
CA LYS A 4 -11.83 -18.27 19.08
C LYS A 4 -11.61 -19.01 17.77
N LYS A 5 -12.69 -19.47 17.13
CA LYS A 5 -12.59 -20.14 15.85
C LYS A 5 -12.67 -19.07 14.75
N ILE A 6 -11.59 -18.94 13.97
CA ILE A 6 -11.48 -17.90 12.94
C ILE A 6 -11.30 -18.48 11.55
N VAL A 7 -12.09 -18.00 10.59
CA VAL A 7 -11.94 -18.40 9.20
C VAL A 7 -11.88 -17.12 8.35
N LEU A 8 -10.84 -17.02 7.52
CA LEU A 8 -10.66 -15.87 6.62
C LEU A 8 -10.95 -16.37 5.22
N TYR A 9 -11.99 -15.82 4.56
CA TYR A 9 -12.29 -16.14 3.17
C TYR A 9 -11.48 -15.13 2.36
N SER A 10 -10.55 -15.64 1.59
CA SER A 10 -9.60 -14.81 0.86
C SER A 10 -9.49 -15.19 -0.62
N LEU A 11 -8.86 -14.30 -1.40
CA LEU A 11 -8.53 -14.55 -2.81
C LEU A 11 -7.04 -14.24 -2.94
N THR A 12 -6.24 -15.08 -3.66
CA THR A 12 -4.83 -14.77 -3.89
C THR A 12 -4.66 -13.42 -4.62
N THR A 13 -5.64 -13.02 -5.43
CA THR A 13 -5.61 -11.74 -6.14
C THR A 13 -6.16 -10.55 -5.29
N CYS A 14 -6.47 -10.79 -4.01
CA CYS A 14 -7.02 -9.78 -3.12
C CYS A 14 -5.88 -9.33 -2.19
N GLY A 15 -5.42 -8.10 -2.36
CA GLY A 15 -4.32 -7.52 -1.59
C GLY A 15 -4.60 -7.43 -0.10
N PHE A 16 -5.71 -6.81 0.28
CA PHE A 16 -6.11 -6.65 1.68
C PHE A 16 -6.30 -8.00 2.38
N CYS A 17 -6.71 -9.04 1.64
CA CYS A 17 -6.87 -10.38 2.20
C CYS A 17 -5.52 -10.87 2.76
N GLN A 18 -4.42 -10.64 2.01
CA GLN A 18 -3.07 -11.03 2.44
C GLN A 18 -2.55 -10.22 3.59
N ALA A 19 -3.00 -8.98 3.73
CA ALA A 19 -2.65 -8.05 4.79
C ALA A 19 -3.35 -8.54 6.09
N ILE A 20 -4.63 -8.95 6.01
CA ILE A 20 -5.33 -9.49 7.18
C ILE A 20 -4.59 -10.77 7.62
N LYS A 21 -4.27 -11.65 6.66
CA LYS A 21 -3.55 -12.88 6.97
C LYS A 21 -2.16 -12.61 7.60
N LYS A 22 -1.42 -11.60 7.11
CA LYS A 22 -0.11 -11.21 7.65
C LYS A 22 -0.23 -10.77 9.11
N MSE A 23 -1.26 -9.97 9.45
CA MSE A 23 -1.47 -9.54 10.83
C MSE A 23 -1.72 -10.75 11.73
O MSE A 23 -1.20 -10.80 12.84
CB MSE A 23 -2.62 -8.56 10.95
CG MSE A 23 -3.11 -8.41 12.38
SE MSE A 23 -4.64 -7.38 12.50
CE MSE A 23 -5.91 -8.68 11.93
N PHE A 24 -2.54 -11.70 11.28
CA PHE A 24 -2.86 -12.89 12.07
C PHE A 24 -1.57 -13.66 12.39
N ASP A 25 -0.76 -13.93 11.36
CA ASP A 25 0.48 -14.67 11.48
C ASP A 25 1.50 -14.00 12.40
N ASP A 26 1.62 -12.67 12.30
CA ASP A 26 2.55 -11.92 13.13
C ASP A 26 2.12 -11.79 14.60
N LEU A 27 0.83 -12.01 14.89
CA LEU A 27 0.35 -11.94 16.26
C LEU A 27 -0.06 -13.31 16.83
N ALA A 28 0.38 -14.40 16.19
CA ALA A 28 0.10 -15.78 16.57
C ALA A 28 -1.39 -16.07 16.67
N VAL A 29 -2.18 -15.45 15.81
CA VAL A 29 -3.63 -15.64 15.79
C VAL A 29 -3.94 -16.82 14.93
N GLY A 30 -4.38 -17.91 15.54
CA GLY A 30 -4.70 -19.12 14.80
C GLY A 30 -5.97 -18.95 14.00
N HIS A 31 -5.95 -19.38 12.73
CA HIS A 31 -7.10 -19.23 11.84
C HIS A 31 -7.00 -20.18 10.66
N LEU A 32 -8.13 -20.37 9.98
CA LEU A 32 -8.19 -21.12 8.75
C LEU A 32 -8.26 -20.06 7.65
N CYS A 33 -7.40 -20.18 6.66
CA CYS A 33 -7.37 -19.26 5.55
C CYS A 33 -7.79 -20.01 4.33
N ILE A 34 -8.90 -19.61 3.73
CA ILE A 34 -9.40 -20.26 2.53
C ILE A 34 -9.13 -19.34 1.35
N GLN A 35 -8.17 -19.72 0.49
CA GLN A 35 -7.89 -18.96 -0.72
C GLN A 35 -8.80 -19.63 -1.72
N ALA A 36 -10.06 -19.14 -1.79
CA ALA A 36 -11.16 -19.69 -2.56
C ALA A 36 -10.88 -19.90 -4.03
N ASP A 37 -10.03 -19.06 -4.62
CA ASP A 37 -9.64 -19.17 -6.02
C ASP A 37 -8.62 -20.28 -6.29
N GLU A 38 -7.97 -20.82 -5.25
CA GLU A 38 -7.02 -21.93 -5.43
C GLU A 38 -7.71 -23.30 -5.51
N LEU A 39 -8.93 -23.39 -4.99
CA LEU A 39 -9.77 -24.58 -4.95
C LEU A 39 -10.31 -24.97 -6.35
N THR A 40 -10.72 -26.22 -6.49
CA THR A 40 -11.29 -26.76 -7.73
C THR A 40 -12.72 -26.20 -7.98
N GLY A 41 -13.30 -26.50 -9.15
CA GLY A 41 -14.64 -26.03 -9.52
C GLY A 41 -15.73 -26.32 -8.50
N GLU A 42 -15.84 -27.58 -8.04
CA GLU A 42 -16.87 -27.96 -7.07
C GLU A 42 -16.50 -27.54 -5.63
N GLU A 43 -15.20 -27.46 -5.30
CA GLU A 43 -14.76 -26.96 -4.00
C GLU A 43 -15.04 -25.44 -3.89
N LYS A 44 -14.97 -24.71 -5.02
CA LYS A 44 -15.30 -23.29 -5.08
C LYS A 44 -16.77 -23.11 -4.74
N LYS A 45 -17.65 -23.99 -5.26
CA LYS A 45 -19.07 -23.92 -4.97
C LYS A 45 -19.36 -24.19 -3.48
N GLN A 46 -18.62 -25.14 -2.85
CA GLN A 46 -18.81 -25.40 -1.42
C GLN A 46 -18.26 -24.30 -0.51
N ALA A 47 -17.07 -23.74 -0.83
CA ALA A 47 -16.54 -22.61 -0.06
C ALA A 47 -17.48 -21.41 -0.22
N LEU A 48 -18.11 -21.24 -1.41
CA LEU A 48 -19.08 -20.18 -1.62
C LEU A 48 -20.35 -20.47 -0.83
N ARG A 49 -20.75 -21.74 -0.67
CA ARG A 49 -21.94 -22.08 0.13
C ARG A 49 -21.70 -21.74 1.58
N ASP A 50 -20.52 -22.06 2.11
CA ASP A 50 -20.17 -21.72 3.48
C ASP A 50 -20.13 -20.19 3.63
N LEU A 51 -19.53 -19.50 2.65
CA LEU A 51 -19.44 -18.04 2.64
C LEU A 51 -20.81 -17.38 2.56
N ARG A 52 -21.67 -17.86 1.65
CA ARG A 52 -23.02 -17.33 1.48
C ARG A 52 -23.85 -17.31 2.76
N LYS A 53 -23.71 -18.36 3.61
CA LYS A 53 -24.46 -18.43 4.87
C LYS A 53 -24.17 -17.29 5.80
N VAL A 54 -22.90 -16.81 5.78
CA VAL A 54 -22.48 -15.70 6.65
C VAL A 54 -22.48 -14.35 5.92
N ASN A 55 -22.32 -14.37 4.60
CA ASN A 55 -22.27 -13.19 3.75
C ASN A 55 -22.97 -13.55 2.44
N PRO A 56 -24.25 -13.18 2.31
CA PRO A 56 -24.99 -13.52 1.09
C PRO A 56 -24.36 -12.95 -0.19
N LYS A 57 -23.70 -11.79 -0.10
CA LYS A 57 -23.07 -11.16 -1.24
C LYS A 57 -21.80 -11.84 -1.73
N CYS A 58 -21.33 -12.90 -1.03
CA CYS A 58 -20.17 -13.70 -1.45
C CYS A 58 -18.96 -12.84 -1.84
N SER A 59 -18.61 -11.92 -0.95
CA SER A 59 -17.58 -10.94 -1.16
C SER A 59 -16.33 -11.17 -0.32
N PHE A 60 -15.15 -10.83 -0.88
CA PHE A 60 -13.86 -11.02 -0.22
C PHE A 60 -13.20 -9.69 0.03
N PRO A 61 -12.62 -9.48 1.22
CA PRO A 61 -12.52 -10.45 2.33
C PRO A 61 -13.76 -10.57 3.20
N THR A 62 -13.87 -11.72 3.87
CA THR A 62 -14.91 -11.98 4.89
C THR A 62 -14.23 -12.80 5.99
N VAL A 63 -14.36 -12.37 7.23
CA VAL A 63 -13.74 -13.07 8.34
C VAL A 63 -14.83 -13.47 9.33
N VAL A 64 -14.86 -14.74 9.74
N VAL A 64 -14.84 -14.74 9.74
CA VAL A 64 -15.83 -15.20 10.73
CA VAL A 64 -15.81 -15.22 10.72
C VAL A 64 -15.14 -15.56 12.03
C VAL A 64 -15.07 -15.50 12.01
N ILE A 65 -15.49 -14.87 13.12
CA ILE A 65 -14.90 -15.07 14.44
C ILE A 65 -16.00 -15.64 15.29
N ASP A 66 -15.98 -16.96 15.53
CA ASP A 66 -17.03 -17.65 16.30
C ASP A 66 -18.39 -17.44 15.58
N GLU A 67 -19.31 -16.66 16.15
CA GLU A 67 -20.59 -16.36 15.51
C GLU A 67 -20.70 -14.92 14.96
N THR A 68 -19.61 -14.15 15.00
CA THR A 68 -19.63 -12.79 14.50
C THR A 68 -18.92 -12.74 13.14
N VAL A 69 -19.49 -11.97 12.21
CA VAL A 69 -18.99 -11.93 10.85
C VAL A 69 -18.57 -10.52 10.51
N VAL A 70 -17.39 -10.38 9.91
CA VAL A 70 -16.89 -9.09 9.46
C VAL A 70 -16.68 -9.21 7.98
N VAL A 71 -17.43 -8.41 7.23
CA VAL A 71 -17.36 -8.38 5.78
C VAL A 71 -16.59 -7.12 5.35
N GLY A 72 -15.63 -7.28 4.46
CA GLY A 72 -14.89 -6.15 3.94
C GLY A 72 -13.58 -5.88 4.65
N PRO A 73 -12.85 -4.86 4.14
CA PRO A 73 -11.52 -4.55 4.68
C PRO A 73 -11.61 -3.74 5.98
N LYS A 74 -12.16 -4.35 7.03
CA LYS A 74 -12.41 -3.69 8.31
C LYS A 74 -11.48 -4.28 9.37
N ILE A 75 -10.19 -3.92 9.29
CA ILE A 75 -9.15 -4.43 10.17
C ILE A 75 -9.39 -4.05 11.64
N GLN A 76 -9.93 -2.84 11.89
CA GLN A 76 -10.21 -2.39 13.25
C GLN A 76 -11.31 -3.23 13.88
N GLU A 77 -12.36 -3.54 13.10
CA GLU A 77 -13.46 -4.37 13.54
C GLU A 77 -12.96 -5.80 13.83
N ILE A 78 -12.11 -6.33 12.97
CA ILE A 78 -11.55 -7.67 13.19
C ILE A 78 -10.74 -7.72 14.51
N LYS A 79 -9.81 -6.74 14.69
CA LYS A 79 -9.00 -6.64 15.89
C LYS A 79 -9.84 -6.50 17.17
N GLU A 80 -10.88 -5.69 17.16
CA GLU A 80 -11.74 -5.53 18.34
C GLU A 80 -12.45 -6.84 18.72
N LYS A 81 -12.91 -7.60 17.73
CA LYS A 81 -13.61 -8.87 17.98
C LYS A 81 -12.64 -9.97 18.49
N ILE A 82 -11.40 -9.99 17.98
CA ILE A 82 -10.43 -11.01 18.45
C ILE A 82 -9.76 -10.62 19.79
N GLY A 83 -9.72 -9.32 20.09
CA GLY A 83 -9.05 -8.82 21.27
C GLY A 83 -7.61 -8.41 20.98
N ILE A 84 -7.32 -7.96 19.75
CA ILE A 84 -5.99 -7.52 19.36
C ILE A 84 -5.83 -6.05 19.74
N ARG A 85 -4.84 -5.75 20.56
CA ARG A 85 -4.58 -4.39 21.03
C ARG A 85 -3.08 -4.32 21.29
N THR A 86 -2.36 -3.68 20.38
CA THR A 86 -0.90 -3.57 20.34
C THR A 86 -0.43 -2.16 20.72
N GLU A 87 0.87 -1.97 21.00
CA GLU A 87 1.38 -0.64 21.33
C GLU A 87 1.24 0.33 20.11
N VAL A 88 1.20 -0.22 18.88
CA VAL A 88 0.97 0.56 17.66
C VAL A 88 -0.44 1.12 17.69
N ASP A 89 -1.44 0.29 18.10
CA ASP A 89 -2.82 0.75 18.24
C ASP A 89 -2.93 1.88 19.21
N GLU A 90 -2.23 1.77 20.34
CA GLU A 90 -2.21 2.77 21.38
C GLU A 90 -1.62 4.08 20.85
N LEU A 91 -0.46 4.00 20.19
CA LEU A 91 0.19 5.20 19.68
C LEU A 91 -0.64 5.84 18.56
N TYR A 92 -1.28 5.03 17.70
CA TYR A 92 -2.14 5.52 16.61
C TYR A 92 -3.24 6.40 17.18
N GLU A 93 -3.88 5.95 18.27
N GLU A 93 -3.89 5.95 18.26
CA GLU A 93 -4.96 6.66 18.94
CA GLU A 93 -4.97 6.70 18.90
C GLU A 93 -4.45 7.96 19.56
C GLU A 93 -4.46 7.97 19.56
N VAL A 94 -3.26 7.91 20.17
CA VAL A 94 -2.68 9.10 20.78
C VAL A 94 -2.38 10.15 19.69
N LEU A 95 -1.77 9.71 18.60
CA LEU A 95 -1.41 10.58 17.50
C LEU A 95 -2.61 11.16 16.81
N LYS A 96 -3.64 10.33 16.61
CA LYS A 96 -4.90 10.76 16.02
C LYS A 96 -5.57 11.85 16.86
N LYS A 97 -5.78 11.62 18.18
CA LYS A 97 -6.45 12.60 19.05
C LYS A 97 -5.72 13.93 19.10
N LYS A 98 -4.40 13.87 19.13
CA LYS A 98 -3.57 15.06 19.23
C LYS A 98 -3.45 15.86 17.92
N ASN A 99 -3.46 15.16 16.78
CA ASN A 99 -3.18 15.82 15.51
C ASN A 99 -4.39 16.24 14.66
N GLU A 100 -5.48 15.43 14.64
CA GLU A 100 -6.66 15.79 13.83
C GLU A 100 -7.26 17.19 14.13
N PRO A 101 -7.36 17.63 15.40
CA PRO A 101 -7.84 19.01 15.64
C PRO A 101 -6.92 20.09 15.05
N LYS A 102 -5.64 19.76 14.80
CA LYS A 102 -4.72 20.71 14.17
C LYS A 102 -4.77 20.67 12.64
N GLY A 103 -5.58 19.80 12.04
CA GLY A 103 -5.64 19.67 10.59
C GLY A 103 -4.62 18.70 10.01
N TYR A 104 -3.91 17.94 10.88
CA TYR A 104 -2.92 16.94 10.47
C TYR A 104 -3.57 15.59 10.62
N TYR A 105 -3.96 14.99 9.51
CA TYR A 105 -4.65 13.70 9.56
C TYR A 105 -3.65 12.60 9.33
N LEU A 106 -3.88 11.41 9.88
CA LEU A 106 -2.98 10.28 9.60
C LEU A 106 -3.38 9.73 8.24
N ASN A 107 -2.39 9.35 7.43
CA ASN A 107 -2.61 8.76 6.11
C ASN A 107 -3.69 7.64 6.17
N GLY A 108 -4.68 7.77 5.29
CA GLY A 108 -5.83 6.88 5.16
C GLY A 108 -5.45 5.47 4.78
N ASP A 109 -4.27 5.26 4.18
CA ASP A 109 -3.80 3.91 3.89
C ASP A 109 -3.30 3.40 5.24
N ARG A 110 -4.22 2.78 5.97
CA ARG A 110 -4.04 2.33 7.33
C ARG A 110 -2.84 1.38 7.50
N GLU A 111 -2.48 0.62 6.46
CA GLU A 111 -1.35 -0.29 6.51
C GLU A 111 -0.06 0.49 6.55
N LYS A 112 0.06 1.49 5.70
CA LYS A 112 1.27 2.29 5.60
C LYS A 112 1.46 3.12 6.89
N THR A 113 0.38 3.66 7.45
CA THR A 113 0.39 4.42 8.68
C THR A 113 0.86 3.55 9.85
N PHE A 114 0.38 2.32 9.91
CA PHE A 114 0.77 1.41 10.99
C PHE A 114 2.23 1.04 10.89
N GLU A 115 2.76 0.88 9.67
CA GLU A 115 4.15 0.56 9.49
C GLU A 115 5.06 1.75 9.88
N LEU A 116 4.59 2.98 9.62
CA LEU A 116 5.31 4.18 10.00
C LEU A 116 5.32 4.31 11.51
N ILE A 117 4.17 4.04 12.16
CA ILE A 117 4.07 4.09 13.61
C ILE A 117 4.95 3.01 14.23
N ARG A 118 5.07 1.83 13.59
CA ARG A 118 5.99 0.79 14.06
C ARG A 118 7.45 1.33 13.99
N GLY A 119 7.78 2.10 12.96
CA GLY A 119 9.08 2.73 12.80
C GLY A 119 9.36 3.76 13.88
N LEU A 120 8.37 4.58 14.22
CA LEU A 120 8.48 5.55 15.32
C LEU A 120 8.82 4.83 16.64
N LEU A 121 8.21 3.64 16.85
CA LEU A 121 8.38 2.83 18.05
C LEU A 121 9.72 2.16 18.09
N THR A 122 10.19 1.67 16.94
CA THR A 122 11.53 1.08 16.76
C THR A 122 12.56 2.18 17.09
N ASN A 123 12.35 3.41 16.60
CA ASN A 123 13.26 4.52 16.87
C ASN A 123 13.21 4.98 18.33
N LYS A 124 12.05 4.97 18.96
CA LYS A 124 11.94 5.34 20.38
C LYS A 124 12.71 4.32 21.25
N LYS A 125 12.66 3.05 20.90
CA LYS A 125 13.34 1.98 21.62
C LYS A 125 14.87 2.07 21.49
N ARG A 126 15.40 2.24 20.26
CA ARG A 126 16.85 2.23 20.07
C ARG A 126 17.54 3.58 20.30
N TYR A 127 16.79 4.71 20.27
CA TYR A 127 17.39 6.03 20.47
C TYR A 127 16.90 6.76 21.71
N GLY A 128 15.71 6.44 22.20
CA GLY A 128 15.14 7.16 23.34
C GLY A 128 14.17 8.26 22.93
N TYR A 129 13.90 8.39 21.62
CA TYR A 129 12.99 9.40 21.08
C TYR A 129 12.48 8.97 19.68
N MSE A 130 11.32 9.47 19.27
CA MSE A 130 10.71 9.07 18.01
C MSE A 130 11.30 9.81 16.83
O MSE A 130 10.67 10.72 16.25
CB MSE A 130 9.19 9.20 18.07
CG MSE A 130 8.59 8.39 19.21
SE MSE A 130 6.68 8.42 19.17
CE MSE A 130 6.45 9.74 20.28
N ALA A 131 12.51 9.40 16.44
CA ALA A 131 13.16 9.99 15.28
C ALA A 131 12.38 9.57 14.04
N CYS A 132 12.30 10.47 13.07
CA CYS A 132 11.59 10.25 11.81
C CYS A 132 11.93 8.89 11.17
N PRO A 133 10.93 8.03 10.92
CA PRO A 133 11.24 6.69 10.37
C PRO A 133 11.70 6.72 8.92
N CYS A 134 11.51 7.84 8.17
CA CYS A 134 12.05 7.83 6.79
C CYS A 134 13.39 8.62 6.69
N ARG A 135 14.07 8.83 7.82
CA ARG A 135 15.37 9.52 7.84
C ARG A 135 16.38 8.74 8.67
N LEU A 136 17.67 9.01 8.46
CA LEU A 136 18.75 8.34 9.20
C LEU A 136 19.08 9.13 10.45
N ALA A 137 18.75 8.59 11.63
CA ALA A 137 19.08 9.29 12.88
C ALA A 137 20.52 9.00 13.28
N SER A 138 21.17 10.00 13.88
CA SER A 138 22.51 9.85 14.43
C SER A 138 22.48 9.06 15.75
N GLY A 139 21.43 9.26 16.53
CA GLY A 139 21.34 8.69 17.87
C GLY A 139 21.66 9.72 18.94
N ASP A 140 22.06 10.95 18.53
CA ASP A 140 22.36 12.06 19.40
C ASP A 140 21.14 12.95 19.30
N ARG A 141 20.42 13.12 20.42
N ARG A 141 20.41 13.12 20.42
CA ARG A 141 19.19 13.93 20.42
CA ARG A 141 19.17 13.91 20.43
C ARG A 141 19.40 15.33 19.91
C ARG A 141 19.36 15.36 19.98
N ASN A 142 20.50 15.98 20.31
CA ASN A 142 20.76 17.34 19.90
C ASN A 142 20.97 17.44 18.37
N ASN A 143 21.70 16.49 17.81
CA ASN A 143 21.93 16.46 16.36
C ASN A 143 20.63 16.10 15.62
N ASP A 144 19.77 15.26 16.21
CA ASP A 144 18.50 14.88 15.60
C ASP A 144 17.33 15.75 15.99
N ARG A 145 17.55 16.85 16.69
CA ARG A 145 16.45 17.60 17.29
C ARG A 145 15.33 18.00 16.34
N ASP A 146 15.70 18.41 15.12
CA ASP A 146 14.76 18.88 14.08
C ASP A 146 14.02 17.73 13.35
N ILE A 147 14.42 16.47 13.62
CA ILE A 147 13.79 15.31 13.01
C ILE A 147 13.17 14.35 14.04
N ILE A 148 12.76 14.87 15.23
CA ILE A 148 12.01 14.12 16.22
C ILE A 148 10.53 14.35 15.88
N CYS A 149 9.78 13.28 15.67
CA CYS A 149 8.40 13.39 15.19
C CYS A 149 7.43 14.01 16.18
N PRO A 150 6.68 15.06 15.79
CA PRO A 150 6.66 15.71 14.46
C PRO A 150 7.82 16.67 14.25
N CYS A 151 8.50 16.51 13.11
CA CYS A 151 9.71 17.25 12.79
C CYS A 151 9.43 18.75 12.53
N LEU A 152 10.52 19.55 12.45
CA LEU A 152 10.47 20.98 12.11
C LEU A 152 9.92 21.20 10.67
N TYR A 153 10.04 20.19 9.82
CA TYR A 153 9.67 20.28 8.42
C TYR A 153 8.25 19.89 8.13
N ARG A 154 7.50 19.29 9.10
CA ARG A 154 6.11 18.89 8.83
C ARG A 154 5.24 20.10 8.36
N GLU A 155 5.27 21.19 9.13
CA GLU A 155 4.42 22.34 8.83
C GLU A 155 4.69 22.92 7.43
N PRO A 156 5.94 23.25 7.01
CA PRO A 156 6.12 23.74 5.63
C PRO A 156 5.79 22.69 4.57
N ASP A 157 6.09 21.41 4.84
CA ASP A 157 5.83 20.36 3.85
C ASP A 157 4.32 20.17 3.62
N VAL A 158 3.55 20.12 4.69
CA VAL A 158 2.11 19.92 4.59
C VAL A 158 1.48 21.16 3.97
N LYS A 159 1.93 22.37 4.36
CA LYS A 159 1.35 23.59 3.75
C LYS A 159 1.62 23.66 2.23
N GLU A 160 2.83 23.28 1.79
N GLU A 160 2.85 23.29 1.79
CA GLU A 160 3.21 23.35 0.39
CA GLU A 160 3.20 23.33 0.38
C GLU A 160 2.80 22.13 -0.47
C GLU A 160 2.72 22.14 -0.45
N PHE A 161 2.84 20.92 0.08
CA PHE A 161 2.52 19.72 -0.69
C PHE A 161 1.36 18.90 -0.21
N GLY A 162 0.86 19.16 0.99
CA GLY A 162 -0.26 18.41 1.51
C GLY A 162 0.13 17.20 2.36
N SER A 163 1.41 16.86 2.43
CA SER A 163 1.85 15.75 3.28
C SER A 163 3.24 15.99 3.84
N CYS A 164 3.57 15.31 4.97
CA CYS A 164 4.89 15.40 5.55
C CYS A 164 5.81 14.50 4.71
N TYR A 165 7.10 14.60 4.94
CA TYR A 165 8.11 13.89 4.19
C TYR A 165 7.91 12.37 4.17
N CYS A 166 7.46 11.76 5.28
CA CYS A 166 7.21 10.29 5.27
C CYS A 166 5.84 9.94 4.73
N THR A 167 4.94 10.92 4.51
CA THR A 167 3.55 10.67 4.14
C THR A 167 2.79 10.04 5.36
N LEU A 168 3.22 10.35 6.60
CA LEU A 168 2.48 9.91 7.78
C LEU A 168 1.32 10.91 8.00
N TYR A 169 1.62 12.21 8.03
CA TYR A 169 0.63 13.26 8.26
C TYR A 169 0.28 13.91 6.97
N VAL A 170 -1.03 14.02 6.70
CA VAL A 170 -1.51 14.61 5.46
C VAL A 170 -2.60 15.69 5.78
N SER A 171 -2.80 16.65 4.87
CA SER A 171 -3.85 17.65 5.02
C SER A 171 -5.20 17.02 4.63
N ALA A 172 -6.33 17.73 4.89
CA ALA A 172 -7.66 17.21 4.53
C ALA A 172 -7.77 17.11 3.03
N ASP A 173 -7.20 18.08 2.26
CA ASP A 173 -7.24 18.05 0.81
C ASP A 173 -6.45 16.87 0.22
N TRP A 174 -5.30 16.56 0.83
CA TRP A 174 -4.53 15.38 0.42
C TRP A 174 -5.38 14.12 0.69
N TYR A 175 -5.96 14.02 1.87
CA TYR A 175 -6.77 12.91 2.32
C TYR A 175 -7.96 12.62 1.37
N THR A 176 -8.75 13.66 1.02
CA THR A 176 -9.92 13.50 0.17
C THR A 176 -9.61 13.49 -1.32
N GLY A 177 -8.37 13.82 -1.71
CA GLY A 177 -8.01 13.83 -3.13
C GLY A 177 -8.26 15.15 -3.85
N LYS A 178 -8.61 16.21 -3.12
CA LYS A 178 -8.82 17.56 -3.68
C LYS A 178 -7.57 18.14 -4.31
N ILE A 179 -6.37 17.67 -3.87
CA ILE A 179 -5.11 18.13 -4.43
C ILE A 179 -4.31 16.92 -4.93
N GLU A 180 -3.32 17.18 -5.77
CA GLU A 180 -2.45 16.14 -6.27
C GLU A 180 -1.55 15.69 -5.13
N ARG A 181 -1.28 14.39 -5.02
CA ARG A 181 -0.42 13.87 -3.97
C ARG A 181 1.00 13.88 -4.51
N GLN A 182 1.69 15.01 -4.38
CA GLN A 182 3.05 15.14 -4.92
C GLN A 182 4.10 14.49 -4.03
N GLU A 183 5.25 14.09 -4.62
CA GLU A 183 6.37 13.60 -3.84
C GLU A 183 6.93 14.77 -3.03
N VAL A 184 7.23 14.54 -1.75
CA VAL A 184 7.79 15.56 -0.90
C VAL A 184 9.30 15.32 -0.88
N ALA A 185 10.06 16.35 -1.27
CA ALA A 185 11.50 16.27 -1.28
C ALA A 185 12.05 16.49 0.15
N GLU A 186 13.28 16.02 0.40
CA GLU A 186 13.90 16.21 1.70
C GLU A 186 14.25 17.69 1.85
N ARG A 187 13.56 18.39 2.74
CA ARG A 187 13.76 19.80 3.02
C ARG A 187 14.90 20.05 4.07
N ARG A 188 15.30 19.02 4.82
CA ARG A 188 16.34 19.17 5.82
C ARG A 188 17.67 19.68 5.23
N PRO A 189 18.23 20.79 5.76
CA PRO A 189 19.56 21.24 5.28
C PRO A 189 20.59 20.14 5.54
N PRO A 190 21.26 19.67 4.48
CA PRO A 190 22.22 18.57 4.65
C PRO A 190 23.35 18.87 5.64
N GLU A 191 23.61 20.16 5.91
CA GLU A 191 24.65 20.53 6.88
C GLU A 191 24.32 20.03 8.31
N HIS A 192 23.01 19.82 8.60
CA HIS A 192 22.61 19.32 9.92
C HIS A 192 23.22 17.93 10.21
N TYR A 193 23.59 17.15 9.18
CA TYR A 193 24.23 15.85 9.37
C TYR A 193 25.65 15.92 9.93
N GLU A 194 26.31 17.10 9.83
CA GLU A 194 27.67 17.33 10.35
C GLU A 194 28.69 16.28 9.86
N LEU A 195 28.72 16.08 8.55
CA LEU A 195 29.60 15.09 7.95
C LEU A 195 31.05 15.55 7.89
N ASP A 196 31.28 16.84 7.72
CA ASP A 196 32.60 17.45 7.61
C ASP A 196 32.51 18.98 7.81
N LYS B 4 24.99 -3.99 -15.10
CA LYS B 4 24.62 -2.80 -14.35
C LYS B 4 24.95 -2.90 -12.86
N LYS B 5 25.76 -1.98 -12.35
CA LYS B 5 26.15 -1.95 -10.93
C LYS B 5 25.13 -1.09 -10.17
N ILE B 6 24.34 -1.74 -9.31
CA ILE B 6 23.29 -1.06 -8.58
C ILE B 6 23.52 -1.02 -7.07
N VAL B 7 23.33 0.15 -6.47
CA VAL B 7 23.43 0.36 -5.03
C VAL B 7 22.13 1.01 -4.57
N LEU B 8 21.53 0.48 -3.52
CA LEU B 8 20.31 1.01 -2.97
C LEU B 8 20.59 1.50 -1.55
N TYR B 9 20.46 2.81 -1.34
CA TYR B 9 20.63 3.38 -0.01
C TYR B 9 19.26 3.28 0.62
N SER B 10 19.21 2.59 1.73
CA SER B 10 17.94 2.24 2.37
C SER B 10 18.01 2.38 3.91
N LEU B 11 16.84 2.27 4.55
CA LEU B 11 16.65 2.30 6.00
C LEU B 11 15.63 1.22 6.28
N THR B 12 15.85 0.41 7.32
CA THR B 12 14.90 -0.64 7.69
C THR B 12 13.53 -0.11 8.04
N THR B 13 13.44 1.16 8.49
CA THR B 13 12.18 1.80 8.83
C THR B 13 11.48 2.45 7.62
N CYS B 14 12.11 2.47 6.46
CA CYS B 14 11.63 3.07 5.21
C CYS B 14 10.91 2.01 4.36
N GLY B 15 9.58 2.11 4.30
CA GLY B 15 8.74 1.18 3.55
C GLY B 15 9.02 1.12 2.06
N PHE B 16 9.17 2.28 1.40
CA PHE B 16 9.47 2.32 -0.04
C PHE B 16 10.81 1.68 -0.37
N CYS B 17 11.82 1.88 0.50
CA CYS B 17 13.15 1.28 0.36
C CYS B 17 13.01 -0.26 0.27
N GLN B 18 12.17 -0.85 1.14
CA GLN B 18 11.93 -2.30 1.13
C GLN B 18 11.18 -2.79 -0.12
N ALA B 19 10.28 -1.96 -0.68
CA ALA B 19 9.53 -2.32 -1.88
C ALA B 19 10.45 -2.31 -3.10
N ILE B 20 11.39 -1.35 -3.18
CA ILE B 20 12.37 -1.31 -4.27
C ILE B 20 13.27 -2.55 -4.18
N LYS B 21 13.71 -2.89 -2.94
CA LYS B 21 14.54 -4.07 -2.72
C LYS B 21 13.81 -5.34 -3.12
N LYS B 22 12.52 -5.46 -2.74
CA LYS B 22 11.66 -6.60 -3.07
C LYS B 22 11.56 -6.78 -4.59
N MSE B 23 11.30 -5.70 -5.35
CA MSE B 23 11.24 -5.75 -6.82
C MSE B 23 12.54 -6.28 -7.42
O MSE B 23 12.51 -7.07 -8.36
CB MSE B 23 10.92 -4.38 -7.42
CG MSE B 23 11.07 -4.33 -8.94
SE MSE B 23 10.69 -2.61 -9.67
CE MSE B 23 12.41 -1.76 -9.43
N PHE B 24 13.68 -5.83 -6.87
CA PHE B 24 14.99 -6.25 -7.35
C PHE B 24 15.16 -7.76 -7.11
N ASP B 25 14.91 -8.24 -5.88
CA ASP B 25 15.03 -9.66 -5.54
C ASP B 25 14.12 -10.53 -6.43
N ASP B 26 12.84 -10.15 -6.57
CA ASP B 26 11.86 -10.88 -7.37
C ASP B 26 12.23 -11.01 -8.84
N LEU B 27 12.78 -9.94 -9.42
CA LEU B 27 13.20 -9.96 -10.81
C LEU B 27 14.66 -10.39 -11.00
N ALA B 28 15.27 -10.99 -9.95
CA ALA B 28 16.66 -11.46 -9.90
C ALA B 28 17.70 -10.41 -10.31
N VAL B 29 17.40 -9.13 -10.01
CA VAL B 29 18.26 -7.99 -10.29
C VAL B 29 19.47 -8.01 -9.33
N GLY B 30 20.66 -7.74 -9.86
CA GLY B 30 21.89 -7.73 -9.07
C GLY B 30 22.19 -6.39 -8.45
N HIS B 31 22.03 -6.29 -7.11
CA HIS B 31 22.28 -5.03 -6.42
C HIS B 31 22.90 -5.18 -5.02
N LEU B 32 23.45 -4.07 -4.50
CA LEU B 32 24.01 -3.97 -3.17
C LEU B 32 23.04 -3.07 -2.38
N CYS B 33 22.52 -3.56 -1.26
CA CYS B 33 21.59 -2.79 -0.44
C CYS B 33 22.28 -2.37 0.85
N ILE B 34 22.21 -1.08 1.17
CA ILE B 34 22.81 -0.55 2.39
C ILE B 34 21.71 -0.13 3.32
N GLN B 35 21.50 -0.85 4.41
CA GLN B 35 20.52 -0.45 5.42
C GLN B 35 21.29 0.40 6.42
N ALA B 36 21.44 1.70 6.08
CA ALA B 36 22.24 2.69 6.81
C ALA B 36 21.96 2.78 8.29
N ASP B 37 20.72 2.53 8.71
CA ASP B 37 20.38 2.58 10.13
C ASP B 37 20.92 1.40 10.95
N GLU B 38 21.39 0.33 10.31
N GLU B 38 21.38 0.33 10.28
CA GLU B 38 21.96 -0.82 11.03
CA GLU B 38 21.97 -0.83 10.96
C GLU B 38 23.48 -0.68 11.29
C GLU B 38 23.51 -0.76 10.95
N LEU B 39 24.08 0.46 10.92
CA LEU B 39 25.52 0.71 10.99
C LEU B 39 25.86 1.40 12.32
N THR B 40 27.18 1.53 12.61
CA THR B 40 27.66 2.25 13.80
C THR B 40 27.58 3.77 13.52
N GLY B 41 27.83 4.61 14.53
CA GLY B 41 27.82 6.06 14.37
C GLY B 41 28.76 6.57 13.31
N GLU B 42 29.96 5.96 13.20
CA GLU B 42 30.93 6.38 12.20
C GLU B 42 30.61 5.80 10.81
N GLU B 43 30.11 4.55 10.76
CA GLU B 43 29.72 3.96 9.49
C GLU B 43 28.53 4.71 8.87
N LYS B 44 27.62 5.23 9.71
CA LYS B 44 26.49 6.03 9.27
C LYS B 44 27.02 7.30 8.60
N LYS B 45 28.01 7.98 9.23
CA LYS B 45 28.62 9.20 8.70
C LYS B 45 29.23 8.93 7.31
N GLN B 46 29.91 7.78 7.14
CA GLN B 46 30.54 7.41 5.88
C GLN B 46 29.51 7.03 4.83
N ALA B 47 28.42 6.36 5.23
CA ALA B 47 27.35 6.03 4.29
C ALA B 47 26.69 7.35 3.80
N LEU B 48 26.52 8.32 4.70
CA LEU B 48 25.93 9.61 4.34
C LEU B 48 26.85 10.40 3.43
N ARG B 49 28.19 10.29 3.60
CA ARG B 49 29.14 11.02 2.76
C ARG B 49 29.11 10.44 1.35
N ASP B 50 29.09 9.10 1.22
CA ASP B 50 28.98 8.42 -0.07
C ASP B 50 27.67 8.83 -0.76
N LEU B 51 26.56 8.78 -0.01
CA LEU B 51 25.25 9.16 -0.52
C LEU B 51 25.23 10.59 -0.96
N ARG B 52 25.80 11.51 -0.15
CA ARG B 52 25.84 12.94 -0.46
C ARG B 52 26.53 13.24 -1.79
N LYS B 53 27.52 12.42 -2.16
CA LYS B 53 28.22 12.62 -3.44
C LYS B 53 27.24 12.45 -4.62
N VAL B 54 26.28 11.51 -4.51
CA VAL B 54 25.31 11.28 -5.59
C VAL B 54 23.94 11.96 -5.40
N ASN B 55 23.62 12.32 -4.15
CA ASN B 55 22.38 12.95 -3.79
C ASN B 55 22.72 13.91 -2.64
N PRO B 56 22.93 15.19 -2.99
CA PRO B 56 23.34 16.18 -1.98
C PRO B 56 22.35 16.37 -0.84
N LYS B 57 21.09 15.95 -1.01
CA LYS B 57 20.05 16.07 0.01
C LYS B 57 20.12 14.97 1.08
N CYS B 58 20.97 13.94 0.89
CA CYS B 58 21.16 12.85 1.84
C CYS B 58 19.83 12.23 2.22
N SER B 59 19.07 11.82 1.20
CA SER B 59 17.73 11.32 1.42
C SER B 59 17.60 9.90 0.91
N PHE B 60 16.76 9.12 1.62
CA PHE B 60 16.44 7.71 1.41
C PHE B 60 14.99 7.58 0.95
N PRO B 61 14.72 6.76 -0.08
CA PRO B 61 15.69 5.94 -0.82
C PRO B 61 16.43 6.72 -1.90
N THR B 62 17.56 6.18 -2.28
CA THR B 62 18.36 6.65 -3.39
C THR B 62 18.90 5.41 -4.08
N VAL B 63 18.77 5.35 -5.39
CA VAL B 63 19.26 4.22 -6.17
C VAL B 63 20.34 4.72 -7.13
N VAL B 64 21.50 4.08 -7.13
N VAL B 64 21.50 4.06 -7.17
CA VAL B 64 22.55 4.41 -8.09
CA VAL B 64 22.57 4.43 -8.10
C VAL B 64 22.61 3.26 -9.10
C VAL B 64 22.78 3.31 -9.12
N ILE B 65 22.44 3.56 -10.39
CA ILE B 65 22.54 2.55 -11.45
C ILE B 65 23.70 3.00 -12.33
N ASP B 66 24.86 2.34 -12.21
CA ASP B 66 26.07 2.75 -12.93
C ASP B 66 26.43 4.23 -12.59
N GLU B 67 26.25 5.19 -13.51
CA GLU B 67 26.50 6.61 -13.24
C GLU B 67 25.21 7.44 -13.11
N THR B 68 24.02 6.82 -13.20
CA THR B 68 22.77 7.56 -13.06
C THR B 68 22.23 7.36 -11.67
N VAL B 69 21.61 8.41 -11.12
CA VAL B 69 21.07 8.35 -9.77
C VAL B 69 19.57 8.67 -9.77
N VAL B 70 18.79 7.87 -9.06
CA VAL B 70 17.37 8.11 -8.91
C VAL B 70 17.11 8.30 -7.42
N VAL B 71 16.64 9.48 -7.06
CA VAL B 71 16.36 9.89 -5.70
C VAL B 71 14.85 9.86 -5.47
N GLY B 72 14.44 9.24 -4.38
CA GLY B 72 13.04 9.23 -4.00
C GLY B 72 12.26 8.03 -4.50
N PRO B 73 10.98 7.99 -4.13
CA PRO B 73 10.14 6.85 -4.51
C PRO B 73 9.65 6.96 -5.96
N LYS B 74 10.59 7.03 -6.93
CA LYS B 74 10.33 7.13 -8.37
C LYS B 74 10.55 5.74 -8.98
N ILE B 75 9.61 4.79 -8.74
CA ILE B 75 9.73 3.42 -9.23
C ILE B 75 9.75 3.31 -10.77
N GLN B 76 9.03 4.18 -11.49
N GLN B 76 9.12 4.27 -11.47
CA GLN B 76 9.01 4.11 -12.95
CA GLN B 76 9.08 4.31 -12.93
C GLN B 76 10.35 4.57 -13.55
C GLN B 76 10.44 4.68 -13.50
N GLU B 77 10.97 5.59 -12.94
N GLU B 77 11.07 5.73 -12.96
CA GLU B 77 12.26 6.11 -13.36
CA GLU B 77 12.39 6.17 -13.40
C GLU B 77 13.36 5.11 -13.08
C GLU B 77 13.45 5.11 -13.08
N ILE B 78 13.29 4.39 -11.95
CA ILE B 78 14.23 3.34 -11.58
C ILE B 78 14.13 2.22 -12.62
N LYS B 79 12.90 1.80 -12.94
CA LYS B 79 12.64 0.78 -13.95
C LYS B 79 13.21 1.21 -15.32
N GLU B 80 13.01 2.49 -15.72
N GLU B 80 12.99 2.47 -15.74
CA GLU B 80 13.47 3.09 -16.99
CA GLU B 80 13.50 2.96 -17.02
C GLU B 80 15.00 3.11 -17.17
C GLU B 80 15.03 2.84 -17.11
N LYS B 81 15.77 3.33 -16.09
CA LYS B 81 17.24 3.27 -16.15
C LYS B 81 17.80 1.83 -16.05
N ILE B 82 17.08 0.93 -15.39
CA ILE B 82 17.54 -0.47 -15.26
C ILE B 82 17.15 -1.36 -16.46
N GLY B 83 16.08 -0.97 -17.16
CA GLY B 83 15.59 -1.74 -18.29
C GLY B 83 14.58 -2.77 -17.82
N ILE B 84 13.70 -2.36 -16.88
CA ILE B 84 12.67 -3.26 -16.39
C ILE B 84 11.36 -2.97 -17.08
N ARG B 85 10.89 -3.94 -17.88
CA ARG B 85 9.62 -3.83 -18.58
C ARG B 85 8.82 -5.11 -18.36
N THR B 86 7.68 -5.00 -17.68
CA THR B 86 6.85 -6.17 -17.40
C THR B 86 5.51 -6.13 -18.15
N GLU B 87 4.76 -7.25 -18.16
CA GLU B 87 3.46 -7.27 -18.82
C GLU B 87 2.41 -6.37 -18.10
N VAL B 88 2.64 -6.03 -16.83
CA VAL B 88 1.76 -5.12 -16.09
C VAL B 88 1.92 -3.70 -16.65
N ASP B 89 3.18 -3.28 -16.93
CA ASP B 89 3.48 -1.98 -17.55
C ASP B 89 2.80 -1.89 -18.89
N GLU B 90 2.91 -2.97 -19.71
CA GLU B 90 2.25 -3.03 -21.01
C GLU B 90 0.72 -2.88 -20.86
N LEU B 91 0.10 -3.69 -19.98
CA LEU B 91 -1.36 -3.64 -19.82
C LEU B 91 -1.85 -2.30 -19.26
N TYR B 92 -1.06 -1.68 -18.35
CA TYR B 92 -1.37 -0.37 -17.77
C TYR B 92 -1.58 0.65 -18.88
N GLU B 93 -0.60 0.71 -19.83
CA GLU B 93 -0.66 1.62 -20.97
C GLU B 93 -1.87 1.35 -21.85
N VAL B 94 -2.13 0.08 -22.18
CA VAL B 94 -3.28 -0.30 -23.00
C VAL B 94 -4.62 0.15 -22.33
N LEU B 95 -4.77 -0.14 -21.04
CA LEU B 95 -6.00 0.18 -20.33
C LEU B 95 -6.18 1.68 -20.23
N LYS B 96 -5.11 2.42 -19.96
CA LYS B 96 -5.17 3.88 -19.86
C LYS B 96 -5.65 4.50 -21.19
N LYS B 97 -5.05 4.07 -22.32
CA LYS B 97 -5.40 4.58 -23.66
C LYS B 97 -6.85 4.31 -24.04
N LYS B 98 -7.34 3.12 -23.70
CA LYS B 98 -8.70 2.72 -24.03
C LYS B 98 -9.77 3.35 -23.13
N ASN B 99 -9.45 3.56 -21.84
CA ASN B 99 -10.48 4.01 -20.90
C ASN B 99 -10.57 5.50 -20.67
N GLU B 100 -9.45 6.21 -20.65
CA GLU B 100 -9.44 7.65 -20.45
C GLU B 100 -10.38 8.45 -21.38
N PRO B 101 -10.45 8.20 -22.71
CA PRO B 101 -11.41 8.95 -23.54
C PRO B 101 -12.87 8.66 -23.15
N LYS B 102 -13.11 7.52 -22.49
CA LYS B 102 -14.45 7.18 -22.00
C LYS B 102 -14.79 7.76 -20.62
N GLY B 103 -13.84 8.45 -19.99
CA GLY B 103 -14.05 9.03 -18.67
C GLY B 103 -13.80 8.09 -17.52
N TYR B 104 -13.16 6.92 -17.78
CA TYR B 104 -12.80 5.97 -16.73
C TYR B 104 -11.30 6.11 -16.54
N TYR B 105 -10.89 6.67 -15.41
CA TYR B 105 -9.49 6.88 -15.14
C TYR B 105 -8.98 5.77 -14.23
N LEU B 106 -7.72 5.36 -14.43
CA LEU B 106 -7.13 4.34 -13.55
C LEU B 106 -6.86 5.00 -12.23
N ASN B 107 -7.08 4.29 -11.12
CA ASN B 107 -6.84 4.83 -9.78
C ASN B 107 -5.41 5.43 -9.67
N GLY B 108 -5.32 6.67 -9.21
CA GLY B 108 -4.08 7.41 -9.07
C GLY B 108 -3.09 6.83 -8.09
N ASP B 109 -3.54 5.96 -7.20
CA ASP B 109 -2.66 5.25 -6.27
C ASP B 109 -2.02 4.18 -7.13
N ARG B 110 -0.86 4.48 -7.75
CA ARG B 110 -0.17 3.59 -8.69
C ARG B 110 0.11 2.18 -8.16
N GLU B 111 0.54 2.05 -6.88
N GLU B 111 0.52 2.06 -6.90
CA GLU B 111 0.83 0.75 -6.28
CA GLU B 111 0.84 0.77 -6.31
C GLU B 111 -0.43 -0.13 -6.27
C GLU B 111 -0.41 -0.13 -6.19
N LYS B 112 -1.57 0.46 -5.95
CA LYS B 112 -2.81 -0.27 -5.87
C LYS B 112 -3.30 -0.71 -7.25
N THR B 113 -3.25 0.20 -8.22
CA THR B 113 -3.63 -0.07 -9.59
C THR B 113 -2.74 -1.18 -10.18
N PHE B 114 -1.43 -1.11 -9.93
CA PHE B 114 -0.49 -2.11 -10.44
C PHE B 114 -0.79 -3.52 -9.90
N GLU B 115 -1.19 -3.64 -8.62
CA GLU B 115 -1.56 -4.95 -8.07
C GLU B 115 -2.90 -5.45 -8.62
N LEU B 116 -3.81 -4.52 -8.95
CA LEU B 116 -5.08 -4.90 -9.56
C LEU B 116 -4.84 -5.41 -11.00
N ILE B 117 -3.92 -4.75 -11.73
CA ILE B 117 -3.59 -5.15 -13.10
C ILE B 117 -2.87 -6.50 -13.09
N ARG B 118 -2.01 -6.73 -12.10
CA ARG B 118 -1.37 -8.03 -11.91
C ARG B 118 -2.41 -9.13 -11.70
N GLY B 119 -3.51 -8.79 -11.00
CA GLY B 119 -4.63 -9.69 -10.77
C GLY B 119 -5.36 -10.03 -12.04
N LEU B 120 -5.56 -9.03 -12.92
CA LEU B 120 -6.16 -9.24 -14.23
C LEU B 120 -5.31 -10.22 -15.05
N LEU B 121 -3.98 -10.10 -14.96
CA LEU B 121 -3.04 -10.92 -15.70
C LEU B 121 -3.00 -12.34 -15.21
N THR B 122 -3.01 -12.50 -13.88
CA THR B 122 -3.08 -13.81 -13.24
C THR B 122 -4.38 -14.51 -13.69
N ASN B 123 -5.52 -13.77 -13.73
CA ASN B 123 -6.79 -14.32 -14.17
C ASN B 123 -6.82 -14.62 -15.66
N LYS B 124 -6.15 -13.81 -16.48
CA LYS B 124 -6.08 -14.06 -17.91
C LYS B 124 -5.34 -15.38 -18.17
N LYS B 125 -4.24 -15.63 -17.46
CA LYS B 125 -3.44 -16.85 -17.64
C LYS B 125 -4.17 -18.13 -17.24
N ARG B 126 -4.82 -18.13 -16.06
CA ARG B 126 -5.46 -19.34 -15.57
C ARG B 126 -6.84 -19.60 -16.13
N TYR B 127 -7.59 -18.54 -16.54
CA TYR B 127 -8.95 -18.73 -17.06
C TYR B 127 -9.09 -18.52 -18.56
N GLY B 128 -8.18 -17.75 -19.15
CA GLY B 128 -8.29 -17.39 -20.55
C GLY B 128 -8.94 -16.02 -20.75
N TYR B 129 -9.35 -15.35 -19.66
CA TYR B 129 -9.98 -14.03 -19.76
C TYR B 129 -9.69 -13.22 -18.49
N MSE B 130 -9.74 -11.92 -18.60
CA MSE B 130 -9.46 -11.02 -17.49
C MSE B 130 -10.60 -10.94 -16.51
O MSE B 130 -11.25 -9.89 -16.40
CB MSE B 130 -9.04 -9.65 -17.99
CG MSE B 130 -7.69 -9.73 -18.69
SE MSE B 130 -7.08 -8.01 -19.24
CE MSE B 130 -8.02 -7.87 -20.79
N ALA B 131 -10.80 -12.02 -15.73
CA ALA B 131 -11.84 -12.05 -14.69
C ALA B 131 -11.47 -10.99 -13.65
N CYS B 132 -12.48 -10.40 -13.02
CA CYS B 132 -12.31 -9.37 -12.01
C CYS B 132 -11.37 -9.82 -10.89
N PRO B 133 -10.33 -9.03 -10.62
CA PRO B 133 -9.35 -9.46 -9.61
C PRO B 133 -9.86 -9.42 -8.18
N CYS B 134 -10.94 -8.68 -7.89
CA CYS B 134 -11.44 -8.63 -6.52
C CYS B 134 -12.70 -9.51 -6.30
N ARG B 135 -12.99 -10.42 -7.23
CA ARG B 135 -14.07 -11.38 -7.12
C ARG B 135 -13.56 -12.79 -7.37
N LEU B 136 -14.31 -13.78 -6.91
CA LEU B 136 -14.00 -15.20 -7.14
C LEU B 136 -14.63 -15.58 -8.47
N ALA B 137 -13.83 -16.03 -9.45
CA ALA B 137 -14.38 -16.47 -10.73
C ALA B 137 -14.67 -17.96 -10.66
N SER B 138 -15.59 -18.45 -11.48
CA SER B 138 -15.88 -19.90 -11.55
C SER B 138 -14.88 -20.62 -12.45
N GLY B 139 -14.34 -19.92 -13.45
CA GLY B 139 -13.46 -20.49 -14.45
C GLY B 139 -14.21 -20.87 -15.73
N ASP B 140 -15.56 -20.76 -15.72
CA ASP B 140 -16.41 -21.03 -16.85
C ASP B 140 -16.72 -19.66 -17.41
N ARG B 141 -16.30 -19.41 -18.65
CA ARG B 141 -16.45 -18.12 -19.28
C ARG B 141 -17.87 -17.60 -19.29
N ASN B 142 -18.83 -18.45 -19.67
CA ASN B 142 -20.24 -18.05 -19.71
C ASN B 142 -20.80 -17.66 -18.32
N ASN B 143 -20.47 -18.43 -17.29
N ASN B 143 -20.49 -18.42 -17.27
CA ASN B 143 -20.92 -18.10 -15.93
CA ASN B 143 -20.95 -18.07 -15.93
C ASN B 143 -20.21 -16.85 -15.39
C ASN B 143 -20.27 -16.74 -15.50
N ASP B 144 -19.01 -16.55 -15.88
CA ASP B 144 -18.25 -15.36 -15.48
C ASP B 144 -18.40 -14.18 -16.42
N ARG B 145 -19.30 -14.24 -17.42
CA ARG B 145 -19.38 -13.20 -18.45
C ARG B 145 -19.63 -11.79 -17.94
N ASP B 146 -20.36 -11.67 -16.84
CA ASP B 146 -20.71 -10.37 -16.28
C ASP B 146 -19.58 -9.74 -15.43
N ILE B 147 -18.53 -10.54 -15.10
CA ILE B 147 -17.40 -10.12 -14.28
C ILE B 147 -16.05 -10.23 -15.03
N ILE B 148 -16.08 -10.14 -16.36
CA ILE B 148 -14.88 -10.10 -17.17
C ILE B 148 -14.61 -8.58 -17.31
N CYS B 149 -13.46 -8.14 -16.85
CA CYS B 149 -13.14 -6.73 -16.78
C CYS B 149 -12.98 -6.05 -18.17
N PRO B 150 -13.64 -4.89 -18.39
CA PRO B 150 -14.54 -4.18 -17.48
C PRO B 150 -15.91 -4.86 -17.32
N CYS B 151 -16.32 -5.10 -16.08
CA CYS B 151 -17.52 -5.85 -15.76
C CYS B 151 -18.79 -5.11 -16.13
N LEU B 152 -19.93 -5.82 -16.09
CA LEU B 152 -21.25 -5.25 -16.35
C LEU B 152 -21.61 -4.16 -15.29
N TYR B 153 -20.98 -4.23 -14.11
CA TYR B 153 -21.31 -3.35 -12.97
C TYR B 153 -20.53 -2.05 -12.94
N ARG B 154 -19.46 -1.92 -13.74
CA ARG B 154 -18.63 -0.72 -13.74
C ARG B 154 -19.44 0.55 -14.04
N GLU B 155 -20.24 0.54 -15.10
CA GLU B 155 -20.99 1.74 -15.51
C GLU B 155 -21.94 2.23 -14.42
N PRO B 156 -22.84 1.38 -13.84
CA PRO B 156 -23.71 1.90 -12.78
C PRO B 156 -22.96 2.23 -11.48
N ASP B 157 -21.89 1.48 -11.17
CA ASP B 157 -21.09 1.75 -9.96
C ASP B 157 -20.34 3.08 -10.06
N VAL B 158 -19.69 3.36 -11.19
CA VAL B 158 -18.95 4.62 -11.37
C VAL B 158 -19.96 5.80 -11.44
N LYS B 159 -21.11 5.60 -12.08
CA LYS B 159 -22.15 6.62 -12.12
C LYS B 159 -22.70 6.94 -10.71
N GLU B 160 -22.95 5.92 -9.88
CA GLU B 160 -23.51 6.14 -8.55
C GLU B 160 -22.48 6.56 -7.48
N PHE B 161 -21.32 5.92 -7.47
CA PHE B 161 -20.34 6.13 -6.41
C PHE B 161 -19.02 6.77 -6.86
N GLY B 162 -18.76 6.79 -8.15
CA GLY B 162 -17.53 7.34 -8.68
C GLY B 162 -16.39 6.37 -8.90
N SER B 163 -16.55 5.07 -8.57
CA SER B 163 -15.49 4.07 -8.79
C SER B 163 -16.11 2.69 -8.98
N CYS B 164 -15.38 1.77 -9.66
CA CYS B 164 -15.87 0.41 -9.82
C CYS B 164 -15.70 -0.36 -8.49
N TYR B 165 -16.16 -1.62 -8.45
CA TYR B 165 -16.14 -2.41 -7.23
C TYR B 165 -14.71 -2.68 -6.71
N CYS B 166 -13.69 -2.80 -7.58
CA CYS B 166 -12.30 -2.97 -7.09
C CYS B 166 -11.62 -1.65 -6.87
N THR B 167 -12.24 -0.50 -7.22
CA THR B 167 -11.56 0.79 -7.19
C THR B 167 -10.41 0.80 -8.22
N LEU B 168 -10.56 0.08 -9.34
CA LEU B 168 -9.55 0.12 -10.41
C LEU B 168 -9.88 1.35 -11.30
N TYR B 169 -11.14 1.51 -11.68
CA TYR B 169 -11.56 2.65 -12.51
C TYR B 169 -12.34 3.60 -11.67
N VAL B 170 -12.06 4.90 -11.85
CA VAL B 170 -12.68 5.97 -11.10
C VAL B 170 -13.09 7.11 -12.05
N SER B 171 -14.11 7.90 -11.66
CA SER B 171 -14.52 9.03 -12.49
C SER B 171 -13.55 10.21 -12.27
N ALA B 172 -13.66 11.26 -13.10
CA ALA B 172 -12.84 12.47 -12.93
C ALA B 172 -13.14 13.13 -11.58
N ASP B 173 -14.39 13.07 -11.11
CA ASP B 173 -14.81 13.66 -9.83
C ASP B 173 -14.24 12.90 -8.64
N TRP B 174 -14.21 11.56 -8.72
CA TRP B 174 -13.59 10.73 -7.68
C TRP B 174 -12.07 11.04 -7.68
N TYR B 175 -11.47 11.09 -8.88
CA TYR B 175 -10.04 11.34 -9.08
C TYR B 175 -9.57 12.63 -8.43
N THR B 176 -10.35 13.73 -8.61
CA THR B 176 -10.00 15.04 -8.09
C THR B 176 -10.70 15.39 -6.77
N GLY B 177 -11.33 14.43 -6.10
CA GLY B 177 -11.94 14.66 -4.79
C GLY B 177 -13.16 15.58 -4.77
N LYS B 178 -13.84 15.74 -5.91
CA LYS B 178 -15.05 16.58 -5.97
C LYS B 178 -16.31 15.91 -5.42
N ILE B 179 -16.22 14.59 -5.14
CA ILE B 179 -17.26 13.79 -4.55
C ILE B 179 -16.62 12.92 -3.47
N GLU B 180 -17.43 12.42 -2.57
CA GLU B 180 -17.01 11.53 -1.51
C GLU B 180 -16.62 10.20 -2.15
N ARG B 181 -15.53 9.62 -1.70
CA ARG B 181 -15.05 8.34 -2.23
C ARG B 181 -15.70 7.24 -1.45
N GLN B 182 -16.96 6.99 -1.73
CA GLN B 182 -17.76 6.03 -1.00
C GLN B 182 -17.35 4.60 -1.24
N GLU B 183 -17.65 3.74 -0.27
CA GLU B 183 -17.44 2.31 -0.39
C GLU B 183 -18.46 1.79 -1.42
N VAL B 184 -18.01 0.93 -2.36
CA VAL B 184 -18.88 0.39 -3.40
C VAL B 184 -19.29 -1.04 -3.03
N ALA B 185 -20.58 -1.24 -2.88
CA ALA B 185 -21.14 -2.55 -2.57
C ALA B 185 -21.08 -3.51 -3.77
N GLU B 186 -21.14 -4.82 -3.51
CA GLU B 186 -21.19 -5.83 -4.57
C GLU B 186 -22.58 -5.76 -5.21
N ARG B 187 -22.65 -5.28 -6.45
CA ARG B 187 -23.90 -5.16 -7.21
C ARG B 187 -24.29 -6.48 -7.93
N ARG B 188 -23.34 -7.40 -8.09
CA ARG B 188 -23.61 -8.66 -8.79
C ARG B 188 -24.70 -9.48 -8.09
N PRO B 189 -25.78 -9.84 -8.79
CA PRO B 189 -26.79 -10.72 -8.19
C PRO B 189 -26.17 -11.99 -7.63
N PRO B 190 -26.35 -12.26 -6.33
CA PRO B 190 -25.73 -13.45 -5.70
C PRO B 190 -26.08 -14.78 -6.37
N GLU B 191 -27.22 -14.83 -7.06
CA GLU B 191 -27.64 -16.04 -7.75
C GLU B 191 -26.70 -16.41 -8.91
N HIS B 192 -25.91 -15.45 -9.42
CA HIS B 192 -25.03 -15.73 -10.55
C HIS B 192 -23.95 -16.79 -10.27
N TYR B 193 -23.74 -17.17 -9.01
CA TYR B 193 -22.82 -18.27 -8.70
C TYR B 193 -23.45 -19.65 -9.03
N GLU B 194 -24.78 -19.74 -9.07
CA GLU B 194 -25.50 -20.98 -9.40
C GLU B 194 -25.15 -22.09 -8.42
N LEU B 195 -25.04 -21.74 -7.13
CA LEU B 195 -24.70 -22.66 -6.04
C LEU B 195 -25.79 -23.71 -5.81
N ASP B 196 -27.05 -23.32 -6.05
CA ASP B 196 -28.23 -24.17 -5.89
C ASP B 196 -29.50 -23.46 -6.41
FE1 SF4 C . 6.45 13.11 9.01
FE2 SF4 C . 8.33 14.64 10.10
FE3 SF4 C . 8.97 12.10 9.58
FE4 SF4 C . 7.13 12.64 11.59
S1 SF4 C . 9.37 13.20 11.52
S2 SF4 C . 6.94 11.07 9.94
S3 SF4 C . 6.10 14.49 10.77
S4 SF4 C . 8.45 13.78 8.07
N1 IMD D . 20.66 19.21 13.85
C2 IMD D . 19.74 20.16 13.85
N3 IMD D . 20.32 21.31 13.60
C4 IMD D . 21.66 21.10 13.45
C5 IMD D . 21.87 19.79 13.60
N1 IMD E . -2.41 22.87 9.63
C2 IMD E . -3.11 22.73 8.53
N3 IMD E . -2.64 23.55 7.62
C4 IMD E . -1.59 24.25 8.17
C5 IMD E . -1.45 23.81 9.43
N1 IMD F . -12.27 14.85 6.79
C2 IMD F . -11.74 13.67 7.07
N3 IMD F . -10.47 13.69 6.69
C4 IMD F . -10.19 14.92 6.17
C5 IMD F . -11.31 15.64 6.23
N1 IMD G . -5.62 16.98 -9.10
C2 IMD G . -6.46 17.25 -8.14
N3 IMD G . -6.73 16.14 -7.48
C4 IMD G . -6.04 15.12 -8.06
C5 IMD G . -5.33 15.64 -9.07
FE1 SF4 H . -15.37 -4.47 -12.81
FE2 SF4 H . -12.78 -4.57 -13.66
FE3 SF4 H . -13.50 -5.61 -11.18
FE4 SF4 H . -13.52 -2.90 -11.62
S1 SF4 H . -11.70 -4.27 -11.65
S2 SF4 H . -15.12 -4.11 -10.56
S3 SF4 H . -14.19 -2.80 -13.84
S4 SF4 H . -14.20 -6.35 -13.26
N1 IMD I . -24.18 -15.50 -14.68
C2 IMD I . -25.48 -15.69 -14.57
N3 IMD I . -26.10 -14.67 -15.14
C4 IMD I . -25.16 -13.82 -15.63
C5 IMD I . -23.96 -14.34 -15.34
N1 IMD J . -19.85 7.07 -17.27
C2 IMD J . -18.90 7.12 -16.36
N3 IMD J . -17.98 7.97 -16.77
C4 IMD J . -18.36 8.48 -17.97
C5 IMD J . -19.53 7.91 -18.29
#